data_7CUY
#
_entry.id   7CUY
#
_cell.length_a   45.921
_cell.length_b   59.902
_cell.length_c   60.925
_cell.angle_alpha   90.000
_cell.angle_beta   110.230
_cell.angle_gamma   90.000
#
_symmetry.space_group_name_H-M   'P 1 21 1'
#
loop_
_entity.id
_entity.type
_entity.pdbx_description
1 polymer 'Low molecular weight phosphotyrosine protein phosphatase 1'
2 non-polymer '4-(2-HYDROXYETHYL)-1-PIPERAZINE ETHANESULFONIC ACID'
3 water water
#
_entity_poly.entity_id   1
_entity_poly.type   'polypeptide(L)'
_entity_poly.pdbx_seq_one_letter_code
;MVRKVLMICLGNICRSPIAEVVMVDTLEKANVKDVEVDSAAIGGWHVGNRADPRAISTLQKHGLKCTHIVRQIRKQDFSE
FDYIFGMDEDNMSELRRLAPKGSKAELLMLGDFGLEKKNRIIEDPYYERGAEGFETAYQQCVVACAAFMKERLQKLEHHH
HHH
;
_entity_poly.pdbx_strand_id   A,B
#
loop_
_chem_comp.id
_chem_comp.type
_chem_comp.name
_chem_comp.formula
EPE non-polymer '4-(2-HYDROXYETHYL)-1-PIPERAZINE ETHANESULFONIC ACID' 'C8 H18 N2 O4 S'
#
# COMPACT_ATOMS: atom_id res chain seq x y z
N VAL A 2 -4.89 -26.45 -2.38
CA VAL A 2 -4.04 -25.84 -1.36
C VAL A 2 -4.12 -24.31 -1.47
N ARG A 3 -4.11 -23.65 -0.32
CA ARG A 3 -3.95 -22.20 -0.25
C ARG A 3 -2.48 -21.91 -0.02
N LYS A 4 -1.95 -20.89 -0.66
CA LYS A 4 -0.53 -20.60 -0.53
C LYS A 4 -0.34 -19.17 -0.06
N VAL A 5 0.48 -18.99 0.99
CA VAL A 5 0.76 -17.70 1.63
C VAL A 5 2.25 -17.43 1.52
N LEU A 6 2.62 -16.21 1.13
CA LEU A 6 4.03 -15.82 0.99
C LEU A 6 4.30 -14.59 1.86
N MET A 7 5.22 -14.71 2.81
CA MET A 7 5.61 -13.55 3.63
C MET A 7 6.82 -12.84 3.02
N ILE A 8 6.73 -11.51 2.88
CA ILE A 8 7.77 -10.71 2.23
C ILE A 8 8.24 -9.65 3.20
N CYS A 9 9.56 -9.46 3.29
CA CYS A 9 10.09 -8.23 3.86
C CYS A 9 11.24 -7.77 2.98
N LEU A 10 12.00 -6.77 3.44
CA LEU A 10 12.98 -6.14 2.57
C LEU A 10 14.11 -7.12 2.24
N GLY A 11 14.62 -7.84 3.24
CA GLY A 11 15.77 -8.72 3.03
C GLY A 11 15.57 -10.17 3.41
N ASN A 12 14.46 -10.49 4.09
CA ASN A 12 14.09 -11.88 4.38
C ASN A 12 15.07 -12.54 5.34
N ILE A 13 15.71 -11.75 6.20
CA ILE A 13 16.57 -12.29 7.25
C ILE A 13 16.06 -11.96 8.65
N CYS A 14 15.18 -10.97 8.81
CA CYS A 14 14.66 -10.56 10.12
C CYS A 14 13.17 -10.82 10.26
N ARG A 15 12.33 -10.13 9.50
CA ARG A 15 10.90 -10.11 9.78
C ARG A 15 10.16 -11.29 9.15
N SER A 16 10.23 -11.44 7.83
CA SER A 16 9.38 -12.45 7.19
C SER A 16 9.73 -13.90 7.55
N PRO A 17 10.96 -14.26 7.92
CA PRO A 17 11.18 -15.64 8.38
C PRO A 17 10.47 -15.92 9.69
N ILE A 18 10.41 -14.94 10.58
CA ILE A 18 9.60 -15.08 11.78
C ILE A 18 8.13 -15.25 11.41
N ALA A 19 7.63 -14.37 10.53
CA ALA A 19 6.23 -14.43 10.13
C ALA A 19 5.92 -15.75 9.44
N GLU A 20 6.85 -16.26 8.65
CA GLU A 20 6.65 -17.56 8.04
C GLU A 20 6.59 -18.65 9.09
N VAL A 21 7.52 -18.65 10.05
CA VAL A 21 7.53 -19.70 11.05
C VAL A 21 6.31 -19.60 11.97
N VAL A 22 5.95 -18.36 12.34
CA VAL A 22 4.79 -18.19 13.21
C VAL A 22 3.52 -18.64 12.49
N MET A 23 3.41 -18.35 11.19
CA MET A 23 2.20 -18.74 10.46
C MET A 23 2.07 -20.27 10.42
N VAL A 24 3.18 -20.96 10.17
CA VAL A 24 3.13 -22.42 10.14
C VAL A 24 2.75 -22.97 11.51
N ASP A 25 3.36 -22.43 12.57
CA ASP A 25 2.99 -22.81 13.92
C ASP A 25 1.53 -22.49 14.22
N THR A 26 1.06 -21.36 13.73
CA THR A 26 -0.32 -20.98 13.96
C THR A 26 -1.27 -21.93 13.25
N LEU A 27 -0.98 -22.27 12.00
CA LEU A 27 -1.81 -23.26 11.30
C LEU A 27 -1.78 -24.61 12.01
N GLU A 28 -0.63 -25.01 12.56
CA GLU A 28 -0.54 -26.32 13.19
C GLU A 28 -1.41 -26.39 14.44
N LYS A 29 -1.38 -25.35 15.28
CA LYS A 29 -2.22 -25.35 16.48
C LYS A 29 -3.71 -25.36 16.12
N ALA A 30 -4.09 -24.82 14.98
CA ALA A 30 -5.48 -24.84 14.56
C ALA A 30 -5.84 -26.08 13.74
N ASN A 31 -4.90 -26.99 13.52
CA ASN A 31 -5.12 -28.20 12.72
C ASN A 31 -5.55 -27.87 11.28
N VAL A 32 -5.07 -26.73 10.74
CA VAL A 32 -5.34 -26.36 9.36
C VAL A 32 -4.19 -26.90 8.51
N LYS A 33 -4.50 -27.82 7.61
CA LYS A 33 -3.44 -28.54 6.92
C LYS A 33 -3.34 -28.24 5.43
N ASP A 34 -4.31 -27.55 4.84
CA ASP A 34 -4.31 -27.25 3.43
C ASP A 34 -3.79 -25.85 3.13
N VAL A 35 -2.81 -25.37 3.90
CA VAL A 35 -2.24 -24.04 3.70
C VAL A 35 -0.71 -24.17 3.74
N GLU A 36 -0.05 -23.78 2.66
CA GLU A 36 1.41 -23.77 2.55
C GLU A 36 1.91 -22.35 2.75
N VAL A 37 3.06 -22.21 3.43
CA VAL A 37 3.64 -20.93 3.78
C VAL A 37 5.09 -20.89 3.31
N ASP A 38 5.51 -19.76 2.74
CA ASP A 38 6.88 -19.55 2.27
C ASP A 38 7.22 -18.11 2.61
N SER A 39 8.48 -17.72 2.44
CA SER A 39 8.84 -16.31 2.58
C SER A 39 9.91 -15.95 1.55
N ALA A 40 10.03 -14.65 1.24
CA ALA A 40 11.08 -14.22 0.32
C ALA A 40 11.37 -12.73 0.50
N ALA A 41 12.39 -12.27 -0.24
CA ALA A 41 12.98 -10.94 -0.08
C ALA A 41 12.68 -10.06 -1.27
N ILE A 42 12.41 -8.77 -1.02
CA ILE A 42 12.43 -7.76 -2.08
C ILE A 42 13.84 -7.65 -2.66
N GLY A 43 14.83 -7.36 -1.79
CA GLY A 43 16.20 -7.17 -2.25
C GLY A 43 17.05 -8.45 -2.18
N GLY A 44 18.17 -8.43 -2.90
CA GLY A 44 18.97 -9.62 -3.13
C GLY A 44 20.22 -9.79 -2.30
N TRP A 45 20.47 -8.89 -1.33
CA TRP A 45 21.76 -8.88 -0.63
C TRP A 45 22.05 -10.22 0.05
N HIS A 46 21.05 -10.84 0.66
CA HIS A 46 21.28 -11.98 1.54
C HIS A 46 20.87 -13.32 0.93
N VAL A 47 20.60 -13.35 -0.38
CA VAL A 47 20.17 -14.58 -1.04
C VAL A 47 21.19 -15.68 -0.83
N GLY A 48 20.69 -16.86 -0.42
CA GLY A 48 21.52 -18.00 -0.12
C GLY A 48 21.93 -18.12 1.33
N ASN A 49 21.74 -17.05 2.13
CA ASN A 49 22.07 -17.05 3.55
C ASN A 49 20.90 -17.56 4.37
N ARG A 50 21.12 -17.65 5.68
CA ARG A 50 20.10 -18.00 6.66
C ARG A 50 19.58 -16.72 7.31
N ALA A 51 18.55 -16.89 8.14
CA ALA A 51 17.95 -15.77 8.84
C ALA A 51 18.97 -15.15 9.80
N ASP A 52 18.69 -13.91 10.21
CA ASP A 52 19.55 -13.23 11.17
C ASP A 52 19.65 -14.06 12.45
N PRO A 53 20.84 -14.22 13.02
CA PRO A 53 20.97 -14.97 14.27
C PRO A 53 19.99 -14.53 15.34
N ARG A 54 19.61 -13.25 15.35
CA ARG A 54 18.67 -12.78 16.36
C ARG A 54 17.25 -13.24 16.04
N ALA A 55 16.92 -13.41 14.77
CA ALA A 55 15.63 -14.00 14.43
C ALA A 55 15.59 -15.47 14.84
N ILE A 56 16.66 -16.22 14.53
CA ILE A 56 16.72 -17.62 14.93
C ILE A 56 16.60 -17.76 16.45
N SER A 57 17.36 -16.94 17.18
CA SER A 57 17.34 -17.07 18.63
C SER A 57 16.00 -16.68 19.20
N THR A 58 15.34 -15.67 18.61
CA THR A 58 14.02 -15.28 19.09
C THR A 58 13.03 -16.43 18.94
N LEU A 59 13.05 -17.12 17.79
CA LEU A 59 12.13 -18.23 17.60
C LEU A 59 12.42 -19.37 18.59
N GLN A 60 13.70 -19.72 18.75
CA GLN A 60 14.13 -20.69 19.78
C GLN A 60 13.57 -20.35 21.15
N LYS A 61 13.70 -19.09 21.56
CA LYS A 61 13.14 -18.64 22.83
C LYS A 61 11.69 -19.09 22.98
N HIS A 62 10.97 -19.19 21.87
CA HIS A 62 9.58 -19.59 21.89
C HIS A 62 9.37 -21.00 21.36
N GLY A 63 10.43 -21.80 21.34
CA GLY A 63 10.32 -23.20 20.99
C GLY A 63 10.08 -23.46 19.52
N LEU A 64 10.55 -22.56 18.64
CA LEU A 64 10.37 -22.71 17.21
C LEU A 64 11.73 -22.79 16.54
N LYS A 65 11.75 -23.36 15.34
CA LYS A 65 12.98 -23.53 14.59
C LYS A 65 12.85 -22.84 13.24
N CYS A 66 13.99 -22.41 12.72
CA CYS A 66 14.05 -21.69 11.45
C CYS A 66 15.21 -22.24 10.63
N THR A 67 14.87 -22.96 9.57
CA THR A 67 15.86 -23.56 8.68
C THR A 67 15.73 -22.98 7.27
N HIS A 68 15.24 -21.77 7.18
CA HIS A 68 14.90 -21.18 5.90
C HIS A 68 16.15 -20.62 5.24
N ILE A 69 16.19 -20.70 3.92
CA ILE A 69 17.26 -20.11 3.11
C ILE A 69 16.68 -18.93 2.34
N VAL A 70 17.36 -17.78 2.42
CA VAL A 70 16.87 -16.55 1.79
C VAL A 70 16.80 -16.71 0.28
N ARG A 71 15.62 -16.46 -0.28
CA ARG A 71 15.47 -16.30 -1.71
C ARG A 71 14.77 -14.97 -1.98
N GLN A 72 14.91 -14.51 -3.22
CA GLN A 72 14.30 -13.26 -3.63
C GLN A 72 12.97 -13.53 -4.31
N ILE A 73 12.02 -12.62 -4.09
CA ILE A 73 10.72 -12.72 -4.73
C ILE A 73 10.90 -12.73 -6.25
N ARG A 74 10.03 -13.45 -6.94
CA ARG A 74 10.01 -13.46 -8.40
C ARG A 74 8.60 -13.17 -8.89
N LYS A 75 8.50 -12.79 -10.17
CA LYS A 75 7.20 -12.44 -10.72
C LYS A 75 6.25 -13.63 -10.73
N GLN A 76 6.74 -14.86 -10.88
CA GLN A 76 5.82 -15.99 -10.89
C GLN A 76 5.20 -16.21 -9.52
N ASP A 77 5.80 -15.65 -8.45
CA ASP A 77 5.17 -15.68 -7.14
C ASP A 77 3.77 -15.09 -7.19
N PHE A 78 3.58 -14.02 -7.95
CA PHE A 78 2.27 -13.39 -7.96
C PHE A 78 1.22 -14.24 -8.65
N SER A 79 1.61 -15.29 -9.38
CA SER A 79 0.67 -16.26 -9.92
C SER A 79 0.58 -17.54 -9.09
N GLU A 80 1.60 -17.84 -8.27
CA GLU A 80 1.54 -19.05 -7.46
C GLU A 80 0.83 -18.86 -6.12
N PHE A 81 1.01 -17.71 -5.47
CA PHE A 81 0.49 -17.54 -4.12
C PHE A 81 -0.86 -16.83 -4.11
N ASP A 82 -1.73 -17.28 -3.20
CA ASP A 82 -3.03 -16.65 -3.03
C ASP A 82 -2.93 -15.36 -2.23
N TYR A 83 -1.99 -15.31 -1.30
CA TYR A 83 -1.81 -14.19 -0.41
C TYR A 83 -0.33 -13.85 -0.34
N ILE A 84 0.02 -12.59 -0.56
CA ILE A 84 1.37 -12.10 -0.37
C ILE A 84 1.32 -10.96 0.64
N PHE A 85 2.14 -11.06 1.70
CA PHE A 85 2.12 -10.13 2.82
C PHE A 85 3.40 -9.29 2.87
N GLY A 86 3.26 -7.95 2.94
CA GLY A 86 4.36 -7.11 3.32
C GLY A 86 4.34 -6.85 4.81
N MET A 87 5.46 -6.35 5.33
CA MET A 87 5.55 -6.03 6.75
C MET A 87 5.31 -4.56 7.05
N ASP A 88 5.66 -3.64 6.14
CA ASP A 88 5.52 -2.21 6.38
C ASP A 88 5.12 -1.52 5.08
N GLU A 89 4.93 -0.20 5.14
CA GLU A 89 4.40 0.50 3.97
C GLU A 89 5.38 0.50 2.79
N ASP A 90 6.70 0.54 3.06
CA ASP A 90 7.69 0.42 1.99
C ASP A 90 7.56 -0.93 1.28
N ASN A 91 7.43 -2.03 2.03
CA ASN A 91 7.11 -3.33 1.45
C ASN A 91 5.92 -3.22 0.50
N MET A 92 4.83 -2.59 0.96
CA MET A 92 3.62 -2.55 0.14
C MET A 92 3.87 -1.84 -1.18
N SER A 93 4.59 -0.71 -1.16
CA SER A 93 4.93 0.00 -2.39
C SER A 93 5.71 -0.90 -3.34
N GLU A 94 6.73 -1.60 -2.83
CA GLU A 94 7.52 -2.49 -3.67
C GLU A 94 6.68 -3.60 -4.28
N LEU A 95 5.81 -4.23 -3.47
CA LEU A 95 4.97 -5.29 -4.02
C LEU A 95 4.04 -4.78 -5.11
N ARG A 96 3.44 -3.60 -4.88
CA ARG A 96 2.58 -2.99 -5.89
C ARG A 96 3.32 -2.82 -7.21
N ARG A 97 4.56 -2.32 -7.16
CA ARG A 97 5.25 -2.11 -8.43
C ARG A 97 5.66 -3.43 -9.08
N LEU A 98 5.93 -4.47 -8.28
CA LEU A 98 6.35 -5.75 -8.83
C LEU A 98 5.21 -6.59 -9.40
N ALA A 99 4.02 -6.54 -8.81
CA ALA A 99 2.91 -7.41 -9.19
C ALA A 99 2.49 -7.20 -10.64
N PRO A 100 2.50 -8.22 -11.50
CA PRO A 100 1.86 -8.05 -12.81
C PRO A 100 0.39 -7.72 -12.64
N LYS A 101 -0.06 -6.69 -13.35
CA LYS A 101 -1.46 -6.27 -13.26
C LYS A 101 -2.39 -7.42 -13.60
N GLY A 102 -3.33 -7.68 -12.71
CA GLY A 102 -4.28 -8.74 -12.89
C GLY A 102 -3.84 -10.10 -12.41
N SER A 103 -2.66 -10.20 -11.78
CA SER A 103 -2.22 -11.47 -11.22
C SER A 103 -3.07 -11.85 -10.02
N LYS A 104 -3.14 -13.15 -9.74
CA LYS A 104 -4.12 -13.64 -8.78
C LYS A 104 -3.79 -13.30 -7.32
N ALA A 105 -2.53 -13.11 -6.96
CA ALA A 105 -2.17 -12.86 -5.56
C ALA A 105 -2.88 -11.64 -4.98
N GLU A 106 -3.38 -11.81 -3.75
CA GLU A 106 -3.90 -10.69 -2.98
C GLU A 106 -2.76 -10.08 -2.17
N LEU A 107 -2.52 -8.77 -2.32
CA LEU A 107 -1.43 -8.11 -1.62
C LEU A 107 -1.95 -7.49 -0.33
N LEU A 108 -1.44 -7.96 0.80
CA LEU A 108 -1.92 -7.50 2.10
C LEU A 108 -0.74 -7.08 2.94
N MET A 109 -0.99 -6.25 3.93
CA MET A 109 0.01 -5.94 4.92
C MET A 109 -0.34 -6.72 6.17
N LEU A 110 0.63 -7.49 6.70
CA LEU A 110 0.29 -8.47 7.74
C LEU A 110 -0.35 -7.81 8.95
N GLY A 111 0.13 -6.62 9.34
CA GLY A 111 -0.38 -6.00 10.55
C GLY A 111 -1.77 -5.40 10.42
N ASP A 112 -2.36 -5.39 9.22
CA ASP A 112 -3.76 -4.99 9.13
C ASP A 112 -4.70 -6.02 9.74
N PHE A 113 -4.17 -7.15 10.21
CA PHE A 113 -4.98 -8.17 10.87
C PHE A 113 -4.59 -8.23 12.34
N GLY A 114 -5.60 -8.24 13.20
CA GLY A 114 -5.39 -8.39 14.64
C GLY A 114 -4.87 -7.22 15.45
N LEU A 115 -3.81 -6.57 14.99
CA LEU A 115 -3.19 -5.53 15.79
C LEU A 115 -4.06 -4.27 15.80
N GLU A 116 -3.86 -3.46 16.83
CA GLU A 116 -4.40 -2.11 16.82
C GLU A 116 -3.69 -1.29 15.75
N LYS A 117 -4.34 -0.20 15.33
CA LYS A 117 -3.82 0.66 14.27
C LYS A 117 -2.38 1.06 14.53
N LYS A 118 -2.11 1.60 15.72
CA LYS A 118 -0.79 2.12 16.09
C LYS A 118 0.28 1.03 16.11
N ASN A 119 -0.10 -0.25 16.19
CA ASN A 119 0.88 -1.32 16.26
C ASN A 119 0.95 -2.12 14.98
N ARG A 120 0.42 -1.58 13.88
CA ARG A 120 0.25 -2.40 12.69
C ARG A 120 1.50 -2.50 11.84
N ILE A 121 2.43 -1.56 11.97
CA ILE A 121 3.69 -1.61 11.22
C ILE A 121 4.63 -2.57 11.94
N ILE A 122 5.13 -3.57 11.22
CA ILE A 122 6.18 -4.43 11.76
C ILE A 122 7.51 -3.84 11.30
N GLU A 123 8.19 -3.20 12.23
CA GLU A 123 9.37 -2.41 11.92
C GLU A 123 10.61 -3.28 11.71
N ASP A 124 11.43 -2.88 10.77
CA ASP A 124 12.74 -3.45 10.48
C ASP A 124 13.61 -3.40 11.74
N PRO A 125 13.95 -4.53 12.35
CA PRO A 125 14.79 -4.51 13.55
C PRO A 125 16.29 -4.61 13.30
N TYR A 126 16.75 -4.66 12.05
CA TYR A 126 18.13 -5.10 11.78
C TYR A 126 19.18 -4.18 12.39
N TYR A 127 18.97 -2.87 12.31
CA TYR A 127 19.98 -1.90 12.70
C TYR A 127 20.00 -1.60 14.21
N GLU A 128 19.10 -2.18 14.99
CA GLU A 128 19.23 -2.12 16.43
C GLU A 128 20.41 -2.98 16.87
N ARG A 129 20.94 -2.70 18.06
CA ARG A 129 22.03 -3.53 18.55
C ARG A 129 21.51 -4.91 18.92
N GLY A 130 20.54 -4.97 19.84
CA GLY A 130 20.08 -6.21 20.42
C GLY A 130 18.98 -6.86 19.60
N ALA A 131 18.25 -7.77 20.24
CA ALA A 131 17.20 -8.52 19.57
C ALA A 131 15.80 -8.10 20.03
N GLU A 132 15.66 -7.00 20.76
CA GLU A 132 14.35 -6.59 21.25
C GLU A 132 13.37 -6.37 20.10
N GLY A 133 13.83 -5.76 19.01
CA GLY A 133 12.94 -5.55 17.87
C GLY A 133 12.47 -6.82 17.21
N PHE A 134 13.23 -7.90 17.34
CA PHE A 134 12.80 -9.17 16.80
C PHE A 134 11.68 -9.77 17.65
N GLU A 135 11.80 -9.62 18.97
CA GLU A 135 10.76 -10.09 19.87
C GLU A 135 9.46 -9.36 19.62
N THR A 136 9.50 -8.04 19.33
CA THR A 136 8.22 -7.35 19.14
C THR A 136 7.61 -7.74 17.81
N ALA A 137 8.43 -7.90 16.77
CA ALA A 137 7.95 -8.47 15.51
C ALA A 137 7.30 -9.83 15.74
N TYR A 138 7.93 -10.68 16.54
CA TYR A 138 7.35 -11.98 16.84
C TYR A 138 5.98 -11.82 17.50
N GLN A 139 5.89 -10.98 18.55
CA GLN A 139 4.61 -10.76 19.20
C GLN A 139 3.55 -10.28 18.21
N GLN A 140 3.93 -9.38 17.30
CA GLN A 140 2.98 -8.87 16.32
C GLN A 140 2.52 -9.97 15.37
N CYS A 141 3.46 -10.77 14.86
CA CYS A 141 3.12 -11.87 13.96
C CYS A 141 2.21 -12.88 14.64
N VAL A 142 2.43 -13.17 15.91
CA VAL A 142 1.55 -14.11 16.61
C VAL A 142 0.10 -13.62 16.58
N VAL A 143 -0.11 -12.33 16.82
CA VAL A 143 -1.46 -11.79 16.83
C VAL A 143 -2.00 -11.67 15.41
N ALA A 144 -1.21 -11.11 14.49
CA ALA A 144 -1.68 -10.91 13.12
C ALA A 144 -1.99 -12.23 12.43
N CYS A 145 -1.09 -13.20 12.56
CA CYS A 145 -1.27 -14.47 11.84
C CYS A 145 -2.54 -15.18 12.30
N ALA A 146 -2.76 -15.27 13.60
CA ALA A 146 -3.98 -15.86 14.12
C ALA A 146 -5.21 -15.19 13.51
N ALA A 147 -5.26 -13.85 13.58
CA ALA A 147 -6.45 -13.13 13.12
C ALA A 147 -6.69 -13.35 11.63
N PHE A 148 -5.63 -13.25 10.81
CA PHE A 148 -5.76 -13.56 9.39
C PHE A 148 -6.27 -14.99 9.18
N MET A 149 -5.64 -15.96 9.85
CA MET A 149 -6.07 -17.35 9.71
C MET A 149 -7.54 -17.50 10.06
N LYS A 150 -7.96 -16.93 11.19
CA LYS A 150 -9.34 -17.09 11.62
C LYS A 150 -10.31 -16.43 10.63
N GLU A 151 -10.02 -15.19 10.22
CA GLU A 151 -10.96 -14.48 9.33
C GLU A 151 -10.93 -15.07 7.92
N ARG A 152 -9.78 -15.05 7.27
CA ARG A 152 -9.73 -15.35 5.85
C ARG A 152 -9.53 -16.82 5.56
N LEU A 153 -8.75 -17.52 6.36
CA LEU A 153 -8.45 -18.91 6.01
C LEU A 153 -9.51 -19.85 6.56
N GLN A 154 -10.04 -19.58 7.75
CA GLN A 154 -11.08 -20.41 8.35
C GLN A 154 -12.47 -19.82 8.21
N LYS A 155 -12.58 -18.59 7.71
CA LYS A 155 -13.86 -17.91 7.52
C LYS A 155 -14.49 -17.64 8.88
N VAL B 2 -8.96 9.05 -26.24
CA VAL B 2 -9.33 9.89 -25.09
C VAL B 2 -9.07 9.17 -23.79
N ARG B 3 -8.32 9.81 -22.89
CA ARG B 3 -7.85 9.16 -21.67
C ARG B 3 -8.48 9.82 -20.45
N LYS B 4 -8.80 9.00 -19.45
CA LYS B 4 -9.59 9.42 -18.30
C LYS B 4 -8.88 9.05 -17.01
N VAL B 5 -8.56 10.06 -16.20
CA VAL B 5 -7.84 9.91 -14.93
C VAL B 5 -8.80 10.22 -13.78
N LEU B 6 -8.78 9.36 -12.75
CA LEU B 6 -9.63 9.53 -11.57
C LEU B 6 -8.74 9.55 -10.33
N MET B 7 -8.73 10.69 -9.64
CA MET B 7 -7.99 10.85 -8.40
C MET B 7 -8.89 10.51 -7.22
N ILE B 8 -8.46 9.61 -6.36
CA ILE B 8 -9.28 9.31 -5.19
C ILE B 8 -8.45 9.43 -3.92
N CYS B 9 -9.10 9.85 -2.84
CA CYS B 9 -8.55 9.70 -1.51
C CYS B 9 -9.67 9.21 -0.59
N LEU B 10 -9.42 9.24 0.72
CA LEU B 10 -10.38 8.63 1.64
C LEU B 10 -11.71 9.38 1.68
N GLY B 11 -11.67 10.71 1.70
CA GLY B 11 -12.90 11.48 1.81
C GLY B 11 -13.15 12.48 0.69
N ASN B 12 -12.15 12.73 -0.17
CA ASN B 12 -12.30 13.57 -1.36
C ASN B 12 -12.60 15.03 -0.98
N ILE B 13 -12.04 15.48 0.15
CA ILE B 13 -12.15 16.88 0.54
C ILE B 13 -10.79 17.57 0.69
N CYS B 14 -9.70 16.83 0.95
CA CYS B 14 -8.38 17.43 1.12
C CYS B 14 -7.43 17.15 -0.03
N ARG B 15 -7.10 15.88 -0.28
CA ARG B 15 -6.02 15.53 -1.20
C ARG B 15 -6.48 15.42 -2.65
N SER B 16 -7.44 14.55 -2.91
CA SER B 16 -7.83 14.30 -4.30
C SER B 16 -8.47 15.51 -4.97
N PRO B 17 -9.21 16.41 -4.27
CA PRO B 17 -9.61 17.64 -4.96
C PRO B 17 -8.41 18.48 -5.36
N ILE B 18 -7.38 18.54 -4.50
CA ILE B 18 -6.17 19.24 -4.89
C ILE B 18 -5.50 18.54 -6.06
N ALA B 19 -5.54 17.21 -6.06
CA ALA B 19 -4.84 16.47 -7.12
C ALA B 19 -5.56 16.63 -8.47
N GLU B 20 -6.89 16.67 -8.44
CA GLU B 20 -7.63 16.83 -9.70
C GLU B 20 -7.28 18.17 -10.36
N VAL B 21 -7.34 19.26 -9.60
CA VAL B 21 -7.12 20.57 -10.23
C VAL B 21 -5.65 20.76 -10.57
N VAL B 22 -4.73 20.16 -9.81
CA VAL B 22 -3.32 20.28 -10.17
C VAL B 22 -3.06 19.52 -11.47
N MET B 23 -3.70 18.37 -11.63
CA MET B 23 -3.54 17.58 -12.84
C MET B 23 -4.03 18.35 -14.07
N VAL B 24 -5.28 18.82 -14.01
CA VAL B 24 -5.82 19.68 -15.05
C VAL B 24 -4.87 20.83 -15.35
N ASP B 25 -4.46 21.55 -14.30
CA ASP B 25 -3.48 22.61 -14.48
C ASP B 25 -2.22 22.09 -15.18
N THR B 26 -1.75 20.91 -14.77
CA THR B 26 -0.54 20.36 -15.35
C THR B 26 -0.74 20.01 -16.84
N LEU B 27 -1.90 19.46 -17.18
CA LEU B 27 -2.16 19.14 -18.58
C LEU B 27 -2.25 20.42 -19.42
N GLU B 28 -2.76 21.51 -18.83
CA GLU B 28 -2.92 22.74 -19.59
C GLU B 28 -1.56 23.37 -19.89
N LYS B 29 -0.64 23.35 -18.92
CA LYS B 29 0.69 23.89 -19.13
C LYS B 29 1.45 23.15 -20.22
N ALA B 30 1.05 21.90 -20.51
CA ALA B 30 1.71 21.06 -21.49
C ALA B 30 0.94 20.99 -22.80
N ASN B 31 -0.26 21.59 -22.85
CA ASN B 31 -1.13 21.53 -24.03
C ASN B 31 -1.44 20.09 -24.42
N VAL B 32 -1.60 19.23 -23.41
CA VAL B 32 -2.19 17.91 -23.61
C VAL B 32 -3.71 18.09 -23.52
N LYS B 33 -4.41 17.70 -24.59
CA LYS B 33 -5.80 18.12 -24.78
C LYS B 33 -6.81 16.99 -24.77
N ASP B 34 -6.39 15.74 -24.67
CA ASP B 34 -7.29 14.61 -24.81
C ASP B 34 -7.38 13.78 -23.54
N VAL B 35 -7.25 14.41 -22.37
CA VAL B 35 -7.28 13.72 -21.09
C VAL B 35 -8.25 14.42 -20.17
N GLU B 36 -9.20 13.66 -19.60
CA GLU B 36 -10.15 14.16 -18.62
C GLU B 36 -9.73 13.73 -17.23
N VAL B 37 -9.90 14.62 -16.26
CA VAL B 37 -9.59 14.34 -14.87
C VAL B 37 -10.86 14.51 -14.04
N ASP B 38 -11.07 13.59 -13.09
CA ASP B 38 -12.15 13.65 -12.13
C ASP B 38 -11.58 13.23 -10.78
N SER B 39 -12.42 13.22 -9.75
CA SER B 39 -11.98 12.79 -8.43
C SER B 39 -13.16 12.20 -7.66
N ALA B 40 -12.86 11.35 -6.70
CA ALA B 40 -13.88 10.65 -5.95
C ALA B 40 -13.32 10.22 -4.60
N ALA B 41 -14.22 9.73 -3.74
CA ALA B 41 -13.91 9.37 -2.37
C ALA B 41 -14.12 7.88 -2.16
N ILE B 42 -13.35 7.31 -1.24
CA ILE B 42 -13.67 5.97 -0.75
C ILE B 42 -14.86 6.01 0.19
N GLY B 43 -14.79 6.85 1.23
CA GLY B 43 -15.88 6.93 2.20
C GLY B 43 -16.98 7.90 1.81
N GLY B 44 -18.12 7.78 2.48
CA GLY B 44 -19.31 8.51 2.06
C GLY B 44 -19.62 9.79 2.80
N TRP B 45 -18.85 10.09 3.85
CA TRP B 45 -19.22 11.14 4.82
C TRP B 45 -19.60 12.44 4.12
N HIS B 46 -18.75 12.93 3.24
CA HIS B 46 -18.83 14.31 2.78
C HIS B 46 -19.47 14.44 1.40
N VAL B 47 -20.20 13.42 0.96
CA VAL B 47 -20.83 13.47 -0.35
C VAL B 47 -21.72 14.69 -0.46
N GLY B 48 -21.60 15.41 -1.58
CA GLY B 48 -22.40 16.57 -1.87
C GLY B 48 -21.85 17.87 -1.32
N ASN B 49 -20.94 17.79 -0.35
CA ASN B 49 -20.36 18.99 0.22
C ASN B 49 -19.12 19.41 -0.57
N ARG B 50 -18.58 20.57 -0.24
CA ARG B 50 -17.43 21.06 -0.98
C ARG B 50 -16.14 20.56 -0.33
N ALA B 51 -15.01 20.85 -0.99
CA ALA B 51 -13.72 20.51 -0.45
C ALA B 51 -13.45 21.27 0.85
N ASP B 52 -12.45 20.80 1.61
CA ASP B 52 -12.10 21.45 2.86
C ASP B 52 -11.63 22.88 2.59
N PRO B 53 -12.07 23.85 3.38
CA PRO B 53 -11.70 25.26 3.08
C PRO B 53 -10.19 25.51 3.09
N ARG B 54 -9.41 24.69 3.81
CA ARG B 54 -7.96 24.79 3.73
C ARG B 54 -7.45 24.33 2.37
N ALA B 55 -8.12 23.35 1.77
CA ALA B 55 -7.81 22.96 0.40
C ALA B 55 -8.23 24.03 -0.59
N ILE B 56 -9.44 24.56 -0.42
CA ILE B 56 -9.89 25.66 -1.27
C ILE B 56 -8.93 26.84 -1.15
N SER B 57 -8.70 27.31 0.09
CA SER B 57 -7.71 28.35 0.35
C SER B 57 -6.38 28.06 -0.34
N THR B 58 -5.83 26.85 -0.14
CA THR B 58 -4.55 26.51 -0.72
C THR B 58 -4.56 26.69 -2.23
N LEU B 59 -5.59 26.19 -2.89
CA LEU B 59 -5.69 26.34 -4.34
C LEU B 59 -5.77 27.82 -4.74
N GLN B 60 -6.56 28.60 -3.99
CA GLN B 60 -6.66 30.04 -4.25
C GLN B 60 -5.28 30.69 -4.25
N LYS B 61 -4.48 30.40 -3.23
CA LYS B 61 -3.15 30.99 -3.11
C LYS B 61 -2.30 30.78 -4.35
N HIS B 62 -2.54 29.69 -5.08
CA HIS B 62 -1.75 29.40 -6.27
C HIS B 62 -2.47 29.75 -7.56
N GLY B 63 -3.65 30.36 -7.48
CA GLY B 63 -4.32 30.87 -8.66
C GLY B 63 -5.27 29.91 -9.31
N LEU B 64 -5.67 28.85 -8.61
CA LEU B 64 -6.57 27.87 -9.17
C LEU B 64 -7.87 27.88 -8.37
N LYS B 65 -8.97 27.68 -9.07
CA LYS B 65 -10.25 27.56 -8.41
C LYS B 65 -10.56 26.10 -8.11
N CYS B 66 -11.49 25.88 -7.18
CA CYS B 66 -11.93 24.54 -6.84
C CYS B 66 -13.45 24.52 -6.78
N THR B 67 -14.10 24.09 -7.86
CA THR B 67 -15.56 24.02 -7.89
C THR B 67 -16.06 22.59 -7.79
N HIS B 68 -15.37 21.74 -7.03
CA HIS B 68 -15.69 20.31 -7.04
C HIS B 68 -16.59 19.93 -5.88
N ILE B 69 -17.50 19.00 -6.16
CA ILE B 69 -18.43 18.45 -5.18
C ILE B 69 -18.06 17.00 -4.95
N VAL B 70 -18.03 16.59 -3.67
CA VAL B 70 -17.64 15.24 -3.32
C VAL B 70 -18.65 14.24 -3.87
N ARG B 71 -18.14 13.20 -4.52
CA ARG B 71 -18.91 12.01 -4.84
C ARG B 71 -18.10 10.80 -4.44
N GLN B 72 -18.79 9.67 -4.26
CA GLN B 72 -18.12 8.44 -3.88
C GLN B 72 -17.74 7.62 -5.11
N ILE B 73 -16.68 6.84 -4.98
CA ILE B 73 -16.24 5.98 -6.07
C ILE B 73 -17.36 4.99 -6.40
N ARG B 74 -17.48 4.65 -7.68
CA ARG B 74 -18.44 3.68 -8.17
C ARG B 74 -17.71 2.48 -8.77
N LYS B 75 -18.36 1.32 -8.76
CA LYS B 75 -17.71 0.15 -9.35
C LYS B 75 -17.55 0.32 -10.86
N GLN B 76 -18.46 1.05 -11.51
CA GLN B 76 -18.30 1.35 -12.93
C GLN B 76 -17.11 2.26 -13.22
N ASP B 77 -16.53 2.87 -12.19
CA ASP B 77 -15.34 3.69 -12.40
C ASP B 77 -14.17 2.86 -12.93
N PHE B 78 -14.02 1.62 -12.45
CA PHE B 78 -12.91 0.76 -12.85
C PHE B 78 -13.00 0.30 -14.31
N SER B 79 -14.20 0.32 -14.90
CA SER B 79 -14.38 0.00 -16.31
C SER B 79 -14.35 1.23 -17.20
N GLU B 80 -14.51 2.42 -16.61
CA GLU B 80 -14.62 3.65 -17.39
C GLU B 80 -13.35 4.49 -17.38
N PHE B 81 -12.53 4.40 -16.32
CA PHE B 81 -11.33 5.21 -16.24
C PHE B 81 -10.10 4.39 -16.61
N ASP B 82 -9.11 5.08 -17.21
CA ASP B 82 -7.86 4.45 -17.58
C ASP B 82 -6.91 4.33 -16.39
N TYR B 83 -6.77 5.40 -15.62
CA TYR B 83 -5.92 5.40 -14.43
C TYR B 83 -6.76 5.82 -13.23
N ILE B 84 -6.53 5.15 -12.11
CA ILE B 84 -7.11 5.55 -10.84
C ILE B 84 -5.97 5.69 -9.84
N PHE B 85 -5.84 6.87 -9.24
CA PHE B 85 -4.78 7.17 -8.29
C PHE B 85 -5.30 7.19 -6.86
N GLY B 86 -4.56 6.57 -5.95
CA GLY B 86 -4.75 6.75 -4.53
C GLY B 86 -3.62 7.61 -3.98
N MET B 87 -3.77 8.03 -2.73
CA MET B 87 -2.80 8.95 -2.15
C MET B 87 -1.85 8.31 -1.14
N ASP B 88 -2.18 7.14 -0.61
CA ASP B 88 -1.31 6.43 0.33
C ASP B 88 -1.54 4.94 0.15
N GLU B 89 -0.83 4.12 0.92
CA GLU B 89 -0.97 2.67 0.75
C GLU B 89 -2.33 2.17 1.23
N ASP B 90 -2.94 2.83 2.22
CA ASP B 90 -4.28 2.42 2.65
C ASP B 90 -5.30 2.60 1.53
N ASN B 91 -5.27 3.77 0.86
CA ASN B 91 -6.09 3.95 -0.35
C ASN B 91 -5.84 2.84 -1.36
N MET B 92 -4.58 2.41 -1.49
CA MET B 92 -4.27 1.45 -2.55
C MET B 92 -4.84 0.08 -2.23
N SER B 93 -4.77 -0.34 -0.96
CA SER B 93 -5.35 -1.65 -0.66
C SER B 93 -6.87 -1.58 -0.72
N GLU B 94 -7.45 -0.42 -0.43
CA GLU B 94 -8.89 -0.30 -0.60
C GLU B 94 -9.27 -0.34 -2.08
N LEU B 95 -8.44 0.23 -2.96
CA LEU B 95 -8.75 0.15 -4.39
C LEU B 95 -8.61 -1.27 -4.93
N ARG B 96 -7.56 -2.00 -4.53
CA ARG B 96 -7.42 -3.38 -4.98
C ARG B 96 -8.60 -4.24 -4.53
N ARG B 97 -9.14 -3.95 -3.34
CA ARG B 97 -10.28 -4.71 -2.84
C ARG B 97 -11.55 -4.37 -3.62
N LEU B 98 -11.71 -3.10 -4.00
CA LEU B 98 -12.93 -2.71 -4.70
C LEU B 98 -12.87 -3.06 -6.19
N ALA B 99 -11.67 -3.08 -6.76
CA ALA B 99 -11.55 -3.30 -8.20
C ALA B 99 -12.10 -4.67 -8.60
N PRO B 100 -13.02 -4.74 -9.55
CA PRO B 100 -13.50 -6.06 -10.01
C PRO B 100 -12.43 -6.78 -10.82
N LYS B 101 -12.43 -8.13 -10.71
CA LYS B 101 -11.43 -8.95 -11.38
C LYS B 101 -11.45 -8.68 -12.87
N GLY B 102 -10.30 -8.32 -13.42
CA GLY B 102 -10.17 -8.05 -14.84
C GLY B 102 -10.68 -6.70 -15.33
N SER B 103 -10.98 -5.76 -14.43
CA SER B 103 -11.40 -4.43 -14.84
C SER B 103 -10.24 -3.67 -15.48
N LYS B 104 -10.60 -2.71 -16.32
CA LYS B 104 -9.64 -2.06 -17.22
C LYS B 104 -8.68 -1.13 -16.49
N ALA B 105 -9.16 -0.40 -15.49
CA ALA B 105 -8.39 0.72 -14.92
C ALA B 105 -7.08 0.23 -14.30
N GLU B 106 -6.05 1.05 -14.45
CA GLU B 106 -4.78 0.79 -13.78
C GLU B 106 -4.75 1.56 -12.47
N LEU B 107 -4.51 0.84 -11.38
CA LEU B 107 -4.43 1.44 -10.05
C LEU B 107 -3.00 1.87 -9.78
N LEU B 108 -2.80 3.16 -9.50
CA LEU B 108 -1.49 3.69 -9.18
C LEU B 108 -1.58 4.53 -7.91
N MET B 109 -0.43 4.75 -7.28
CA MET B 109 -0.34 5.72 -6.20
C MET B 109 0.31 6.96 -6.79
N LEU B 110 -0.34 8.11 -6.61
CA LEU B 110 0.12 9.33 -7.27
C LEU B 110 1.59 9.59 -7.01
N GLY B 111 2.00 9.49 -5.75
CA GLY B 111 3.39 9.65 -5.39
C GLY B 111 4.33 8.57 -5.90
N ASP B 112 3.86 7.57 -6.66
CA ASP B 112 4.81 6.69 -7.36
C ASP B 112 5.59 7.44 -8.42
N PHE B 113 5.24 8.70 -8.69
CA PHE B 113 5.79 9.48 -9.78
C PHE B 113 6.46 10.72 -9.24
N GLY B 114 7.72 10.93 -9.63
CA GLY B 114 8.43 12.19 -9.35
C GLY B 114 8.91 12.42 -7.93
N LEU B 115 8.08 12.12 -6.94
CA LEU B 115 8.48 12.37 -5.56
C LEU B 115 9.65 11.49 -5.13
N GLU B 116 10.52 12.07 -4.31
CA GLU B 116 11.55 11.27 -3.63
C GLU B 116 10.87 10.17 -2.84
N LYS B 117 11.44 8.97 -2.88
CA LYS B 117 10.70 7.82 -2.38
C LYS B 117 10.34 7.98 -0.90
N LYS B 118 11.18 8.69 -0.13
CA LYS B 118 10.86 9.00 1.25
C LYS B 118 9.70 9.98 1.40
N ASN B 119 9.34 10.71 0.34
CA ASN B 119 8.31 11.74 0.37
C ASN B 119 7.09 11.32 -0.45
N ARG B 120 6.96 10.02 -0.73
CA ARG B 120 5.98 9.55 -1.70
C ARG B 120 4.55 9.43 -1.15
N ILE B 121 4.35 9.36 0.15
CA ILE B 121 3.00 9.29 0.67
C ILE B 121 2.41 10.70 0.75
N ILE B 122 1.22 10.89 0.18
CA ILE B 122 0.52 12.17 0.31
C ILE B 122 -0.39 12.04 1.52
N GLU B 123 0.05 12.58 2.64
CA GLU B 123 -0.56 12.30 3.92
C GLU B 123 -1.87 13.07 4.12
N ASP B 124 -2.82 12.42 4.77
CA ASP B 124 -4.07 13.00 5.21
C ASP B 124 -3.81 14.18 6.15
N PRO B 125 -4.12 15.41 5.76
CA PRO B 125 -3.82 16.58 6.62
C PRO B 125 -5.01 17.05 7.44
N TYR B 126 -6.13 16.32 7.42
CA TYR B 126 -7.39 16.88 7.90
C TYR B 126 -7.32 17.24 9.39
N TYR B 127 -6.69 16.38 10.18
CA TYR B 127 -6.70 16.50 11.63
C TYR B 127 -5.62 17.43 12.16
N GLU B 128 -4.77 17.93 11.30
CA GLU B 128 -3.85 18.98 11.65
C GLU B 128 -4.60 20.27 11.96
N ARG B 129 -3.98 21.12 12.78
CA ARG B 129 -4.59 22.37 13.18
C ARG B 129 -4.76 23.29 11.99
N GLY B 130 -3.67 23.66 11.34
CA GLY B 130 -3.65 24.65 10.27
C GLY B 130 -3.79 24.03 8.89
N ALA B 131 -3.16 24.68 7.90
CA ALA B 131 -3.22 24.24 6.51
C ALA B 131 -1.85 23.90 5.93
N GLU B 132 -0.80 23.90 6.76
CA GLU B 132 0.53 23.43 6.35
C GLU B 132 0.45 22.14 5.54
N GLY B 133 -0.31 21.16 6.06
CA GLY B 133 -0.41 19.86 5.41
C GLY B 133 -1.09 19.92 4.06
N PHE B 134 -1.89 20.96 3.82
CA PHE B 134 -2.51 21.12 2.52
C PHE B 134 -1.51 21.66 1.52
N GLU B 135 -0.74 22.69 1.92
CA GLU B 135 0.36 23.17 1.10
C GLU B 135 1.32 22.04 0.75
N THR B 136 1.62 21.16 1.72
CA THR B 136 2.51 20.05 1.44
C THR B 136 1.94 19.16 0.34
N ALA B 137 0.66 18.78 0.48
CA ALA B 137 0.01 17.95 -0.53
C ALA B 137 -0.01 18.62 -1.91
N TYR B 138 -0.28 19.93 -1.94
CA TYR B 138 -0.26 20.63 -3.22
C TYR B 138 1.11 20.55 -3.87
N GLN B 139 2.17 20.85 -3.12
CA GLN B 139 3.52 20.76 -3.65
C GLN B 139 3.81 19.34 -4.16
N GLN B 140 3.39 18.34 -3.39
CA GLN B 140 3.60 16.95 -3.81
C GLN B 140 2.86 16.65 -5.12
N CYS B 141 1.62 17.15 -5.24
CA CYS B 141 0.86 16.87 -6.46
C CYS B 141 1.42 17.61 -7.66
N VAL B 142 2.02 18.79 -7.45
CA VAL B 142 2.69 19.49 -8.54
C VAL B 142 3.79 18.60 -9.12
N VAL B 143 4.59 17.99 -8.25
CA VAL B 143 5.69 17.16 -8.76
C VAL B 143 5.16 15.85 -9.34
N ALA B 144 4.26 15.17 -8.62
CA ALA B 144 3.83 13.85 -9.06
C ALA B 144 3.02 13.92 -10.35
N CYS B 145 2.14 14.92 -10.47
CA CYS B 145 1.30 15.03 -11.68
C CYS B 145 2.13 15.30 -12.92
N ALA B 146 3.18 16.11 -12.80
CA ALA B 146 4.01 16.41 -13.95
C ALA B 146 4.80 15.19 -14.40
N ALA B 147 5.39 14.45 -13.45
CA ALA B 147 6.16 13.27 -13.85
C ALA B 147 5.25 12.22 -14.48
N PHE B 148 4.08 11.97 -13.91
CA PHE B 148 3.17 11.01 -14.50
C PHE B 148 2.79 11.40 -15.93
N MET B 149 2.35 12.64 -16.11
CA MET B 149 1.99 13.11 -17.44
C MET B 149 3.16 12.95 -18.42
N LYS B 150 4.35 13.34 -17.99
CA LYS B 150 5.51 13.24 -18.88
C LYS B 150 5.83 11.78 -19.19
N GLU B 151 5.61 10.87 -18.24
CA GLU B 151 5.95 9.48 -18.47
C GLU B 151 4.84 8.72 -19.20
N ARG B 152 3.60 8.81 -18.72
CA ARG B 152 2.55 7.90 -19.19
C ARG B 152 1.57 8.53 -20.18
N LEU B 153 1.49 9.85 -20.26
CA LEU B 153 0.55 10.49 -21.16
C LEU B 153 1.21 11.14 -22.36
N GLN B 154 2.52 11.35 -22.31
CA GLN B 154 3.24 11.96 -23.43
C GLN B 154 4.32 11.02 -23.97
N1 EPE C . 17.85 -5.66 5.61
C2 EPE C . 18.91 -6.23 6.46
C3 EPE C . 20.23 -5.48 6.28
N4 EPE C . 20.60 -5.40 4.88
C5 EPE C . 19.56 -4.96 3.98
C6 EPE C . 18.23 -5.67 4.19
C7 EPE C . 21.94 -4.93 4.58
C8 EPE C . 22.87 -4.87 5.77
O8 EPE C . 23.67 -6.03 5.76
C9 EPE C . 16.69 -6.53 5.74
C10 EPE C . 15.88 -6.19 6.99
S EPE C . 14.42 -7.25 6.99
O1S EPE C . 13.65 -7.09 8.22
O2S EPE C . 14.89 -8.63 6.85
O3S EPE C . 13.63 -6.78 5.84
N1 EPE D . -11.39 12.47 5.75
C2 EPE D . -11.77 13.82 6.23
C3 EPE D . -12.25 13.69 7.67
N4 EPE D . -13.34 12.73 7.72
C5 EPE D . -13.13 11.44 7.09
C6 EPE D . -12.54 11.57 5.70
C7 EPE D . -14.25 12.76 8.85
C8 EPE D . -14.39 14.10 9.56
O8 EPE D . -15.08 14.99 8.73
C9 EPE D . -10.93 12.59 4.39
C10 EPE D . -9.48 13.03 4.41
S EPE D . -8.89 13.15 2.71
O1S EPE D . -7.58 13.77 2.78
O2S EPE D . -8.76 11.80 2.15
O3S EPE D . -9.83 13.94 1.90
#